data_5FPF
#
_entry.id   5FPF
#
_cell.length_a   41.600
_cell.length_b   76.080
_cell.length_c   149.050
_cell.angle_alpha   90.00
_cell.angle_beta   90.00
_cell.angle_gamma   90.00
#
_symmetry.space_group_name_H-M   'P 21 21 21'
#
loop_
_entity.id
_entity.type
_entity.pdbx_description
1 polymer TANKYRASE-2
2 polymer TANKYRASE-2
3 non-polymer 'ZINC ION'
4 non-polymer '4-[3-(4-oxo-3,4-dihydroquinazolin-2- yl)propanamido]-N-(quinolin-8-yl)benzamide'
5 water water
#
loop_
_entity_poly.entity_id
_entity_poly.type
_entity_poly.pdbx_seq_one_letter_code
_entity_poly.pdbx_strand_id
1 'polypeptide(L)'
;MHHHHHHSSGVDLGTENLYFQSMLNTSGSGTILIDLSPDDKEFQSVEEEMQSTVREHRDGGHAGGIFNRYNILKIQKVCN
KKLWERYTHRRKEVSEENHNHANERMLFHGSPFVNAIIHKGFDERHAYIGGMFGAGIYFAENSSKSNQYVYGIGGGTGCP
VHKDRSCYICHRQLLFCRVTLGKSFLQFSAM
;
A,B
2 'polypeptide(L)' MAHSPPGHHSVTGRPSVNGLALAEYVIYRGEQAYPEYLITYQIMRPEG C,D
#
loop_
_chem_comp.id
_chem_comp.type
_chem_comp.name
_chem_comp.formula
5ZI non-polymer '4-[3-(4-oxo-3,4-dihydroquinazolin-2- yl)propanamido]-N-(quinolin-8-yl)benzamide' 'C27 H21 N5 O3'
ZN non-polymer 'ZINC ION' 'Zn 2'
#
# COMPACT_ATOMS: atom_id res chain seq x y z
N GLY A 30 -6.84 1.37 35.29
CA GLY A 30 -5.58 1.77 34.68
C GLY A 30 -5.63 3.05 33.86
N THR A 31 -6.79 3.34 33.26
CA THR A 31 -6.94 4.46 32.34
C THR A 31 -7.35 5.73 33.04
N ILE A 32 -6.80 6.87 32.62
CA ILE A 32 -7.30 8.16 33.08
C ILE A 32 -7.40 9.14 31.92
N LEU A 33 -8.43 9.98 31.99
CA LEU A 33 -8.81 10.84 30.88
C LEU A 33 -8.46 12.28 31.13
N ILE A 34 -7.90 12.91 30.11
CA ILE A 34 -7.49 14.30 30.17
C ILE A 34 -8.46 15.14 29.35
N ASP A 35 -9.34 15.85 30.04
CA ASP A 35 -10.32 16.66 29.34
C ASP A 35 -9.57 17.84 28.74
N LEU A 36 -9.79 18.06 27.44
CA LEU A 36 -9.00 19.01 26.68
C LEU A 36 -9.78 20.27 26.49
N SER A 37 -9.12 21.40 26.73
CA SER A 37 -9.71 22.71 26.50
C SER A 37 -9.88 22.98 25.02
N PRO A 38 -11.03 23.55 24.62
CA PRO A 38 -11.23 23.98 23.23
C PRO A 38 -10.22 25.01 22.75
N ASP A 39 -9.46 25.60 23.67
CA ASP A 39 -8.40 26.53 23.32
C ASP A 39 -7.03 25.85 23.25
N ASP A 40 -7.00 24.53 23.36
CA ASP A 40 -5.75 23.78 23.19
C ASP A 40 -5.55 23.44 21.73
N LYS A 41 -4.31 23.56 21.26
CA LYS A 41 -3.98 23.26 19.88
C LYS A 41 -4.26 21.79 19.59
N GLU A 42 -4.06 20.97 20.63
CA GLU A 42 -4.34 19.55 20.55
C GLU A 42 -5.81 19.33 20.26
N PHE A 43 -6.66 19.94 21.09
CA PHE A 43 -8.11 19.88 20.91
C PHE A 43 -8.51 20.35 19.54
N GLN A 44 -7.88 21.41 19.09
CA GLN A 44 -8.22 22.03 17.82
C GLN A 44 -7.91 21.13 16.61
N SER A 45 -6.69 20.60 16.53
CA SER A 45 -6.33 19.83 15.36
C SER A 45 -7.14 18.54 15.27
N VAL A 46 -7.45 17.95 16.41
CA VAL A 46 -8.36 16.81 16.44
C VAL A 46 -9.75 17.24 15.97
N GLU A 47 -10.20 18.40 16.44
CA GLU A 47 -11.48 18.94 16.00
C GLU A 47 -11.45 19.18 14.51
N GLU A 48 -10.34 19.73 14.02
CA GLU A 48 -10.22 20.09 12.62
C GLU A 48 -10.10 18.84 11.75
N GLU A 49 -9.61 17.76 12.34
CA GLU A 49 -9.49 16.50 11.62
C GLU A 49 -10.85 15.81 11.59
N MET A 50 -11.64 16.01 12.64
CA MET A 50 -12.99 15.43 12.72
C MET A 50 -13.86 16.04 11.64
N GLN A 51 -13.86 17.37 11.62
CA GLN A 51 -14.69 18.14 10.72
C GLN A 51 -14.26 18.06 9.27
N SER A 52 -12.95 18.02 9.01
CA SER A 52 -12.43 18.19 7.65
C SER A 52 -12.43 16.92 6.83
N THR A 53 -12.55 15.77 7.49
CA THR A 53 -12.49 14.50 6.77
C THR A 53 -13.89 14.01 6.41
N VAL A 54 -14.91 14.83 6.65
CA VAL A 54 -16.28 14.40 6.44
C VAL A 54 -16.56 14.26 4.96
N ARG A 55 -17.37 13.26 4.61
CA ARG A 55 -17.73 12.99 3.23
C ARG A 55 -19.21 12.82 3.13
N GLU A 56 -19.75 13.01 1.93
CA GLU A 56 -21.13 12.69 1.67
C GLU A 56 -21.20 11.28 1.11
N HIS A 57 -21.62 10.35 1.97
CA HIS A 57 -21.85 8.98 1.61
C HIS A 57 -23.13 8.88 0.81
N ARG A 58 -23.19 7.89 -0.06
CA ARG A 58 -24.26 7.81 -1.04
C ARG A 58 -25.36 6.86 -0.62
N ASP A 59 -25.40 6.52 0.67
CA ASP A 59 -26.46 5.67 1.22
C ASP A 59 -27.56 6.56 1.80
N GLY A 60 -27.54 7.85 1.46
CA GLY A 60 -28.56 8.78 1.91
C GLY A 60 -28.60 8.99 3.40
N GLY A 61 -27.48 8.71 4.07
CA GLY A 61 -27.38 8.88 5.51
C GLY A 61 -27.89 7.70 6.32
N HIS A 62 -28.33 6.63 5.64
CA HIS A 62 -28.95 5.47 6.28
C HIS A 62 -28.14 4.90 7.45
N ALA A 63 -26.82 4.98 7.38
CA ALA A 63 -25.99 4.30 8.36
C ALA A 63 -25.59 5.23 9.50
N GLY A 64 -25.04 6.39 9.14
CA GLY A 64 -24.54 7.33 10.13
C GLY A 64 -25.36 8.60 10.31
N GLY A 65 -26.38 8.78 9.48
CA GLY A 65 -27.21 9.97 9.58
C GLY A 65 -26.89 10.96 8.49
N ILE A 66 -27.52 12.13 8.57
CA ILE A 66 -27.48 13.12 7.49
C ILE A 66 -26.92 14.45 7.98
N PHE A 67 -25.69 14.75 7.60
CA PHE A 67 -24.99 15.87 8.19
C PHE A 67 -23.81 16.31 7.33
N ASN A 68 -23.25 17.46 7.67
CA ASN A 68 -22.07 18.03 7.02
C ASN A 68 -20.99 18.36 8.03
N ARG A 69 -21.43 18.81 9.19
CA ARG A 69 -20.53 19.20 10.26
C ARG A 69 -20.87 18.40 11.50
N TYR A 70 -20.06 18.59 12.53
CA TYR A 70 -20.28 17.99 13.85
C TYR A 70 -20.43 19.06 14.91
N ASN A 71 -21.09 18.71 16.00
CA ASN A 71 -21.03 19.48 17.23
C ASN A 71 -19.97 18.79 18.05
N ILE A 72 -18.78 19.37 18.16
CA ILE A 72 -17.74 18.71 18.94
C ILE A 72 -17.87 19.15 20.39
N LEU A 73 -18.55 18.32 21.18
CA LEU A 73 -18.81 18.61 22.59
C LEU A 73 -17.55 18.48 23.40
N LYS A 74 -16.88 17.32 23.31
CA LYS A 74 -15.81 16.98 24.24
C LYS A 74 -14.71 16.19 23.58
N ILE A 75 -13.47 16.53 23.89
CA ILE A 75 -12.34 15.75 23.42
C ILE A 75 -11.38 15.43 24.56
N GLN A 76 -11.25 14.14 24.85
CA GLN A 76 -10.39 13.69 25.95
C GLN A 76 -9.23 12.84 25.44
N LYS A 77 -8.05 13.09 25.98
CA LYS A 77 -6.89 12.26 25.69
C LYS A 77 -6.93 11.08 26.64
N VAL A 78 -6.58 9.91 26.13
CA VAL A 78 -6.54 8.68 26.90
C VAL A 78 -5.12 8.35 27.37
N CYS A 79 -4.96 8.15 28.67
CA CYS A 79 -3.65 7.98 29.27
C CYS A 79 -3.60 6.68 30.05
N ASN A 80 -2.93 5.68 29.48
CA ASN A 80 -2.76 4.37 30.11
C ASN A 80 -1.40 3.80 29.80
N LYS A 81 -0.54 3.71 30.81
CA LYS A 81 0.86 3.35 30.58
C LYS A 81 0.99 1.97 29.97
N LYS A 82 0.31 0.99 30.55
CA LYS A 82 0.44 -0.37 30.08
C LYS A 82 -0.03 -0.51 28.64
N LEU A 83 -1.17 0.08 28.30
CA LEU A 83 -1.62 0.02 26.92
C LEU A 83 -0.62 0.73 26.02
N TRP A 84 -0.01 1.78 26.56
CA TRP A 84 0.95 2.54 25.76
C TRP A 84 2.21 1.73 25.50
N GLU A 85 2.66 0.97 26.50
CA GLU A 85 3.89 0.18 26.35
C GLU A 85 3.60 -1.05 25.50
N ARG A 86 2.43 -1.63 25.67
CA ARG A 86 1.96 -2.67 24.79
C ARG A 86 2.00 -2.20 23.34
N TYR A 87 1.73 -0.93 23.12
CA TYR A 87 1.67 -0.38 21.77
C TYR A 87 3.05 -0.12 21.21
N THR A 88 3.84 0.69 21.90
CA THR A 88 5.16 1.01 21.37
C THR A 88 6.11 -0.18 21.34
N HIS A 89 5.89 -1.17 22.20
CA HIS A 89 6.69 -2.38 22.18
C HIS A 89 6.40 -3.16 20.92
N ARG A 90 5.15 -3.15 20.49
CA ARG A 90 4.75 -3.82 19.28
C ARG A 90 5.18 -3.03 18.05
N ARG A 91 5.24 -1.72 18.19
CA ARG A 91 5.57 -0.85 17.07
C ARG A 91 7.01 -1.06 16.63
N LYS A 92 7.88 -1.33 17.58
CA LYS A 92 9.29 -1.61 17.29
C LYS A 92 9.40 -2.90 16.47
N GLU A 93 8.69 -3.92 16.93
CA GLU A 93 8.64 -5.21 16.26
C GLU A 93 8.19 -5.05 14.81
N VAL A 94 7.07 -4.38 14.60
CA VAL A 94 6.57 -4.15 13.25
C VAL A 94 7.58 -3.34 12.46
N SER A 95 8.34 -2.50 13.14
CA SER A 95 9.25 -1.58 12.48
C SER A 95 10.49 -2.28 11.93
N GLU A 96 11.10 -3.14 12.75
CA GLU A 96 12.23 -3.93 12.29
C GLU A 96 11.82 -4.77 11.08
N GLU A 97 10.67 -5.45 11.19
CA GLU A 97 10.14 -6.24 10.10
C GLU A 97 9.67 -5.47 8.86
N ASN A 98 9.89 -4.16 8.81
CA ASN A 98 9.44 -3.39 7.64
C ASN A 98 10.40 -2.24 7.35
N HIS A 99 11.68 -2.54 7.47
CA HIS A 99 12.75 -1.61 7.15
C HIS A 99 12.67 -0.33 7.93
N ASN A 100 12.40 -0.48 9.22
CA ASN A 100 12.31 0.62 10.14
C ASN A 100 11.27 1.65 9.73
N HIS A 101 10.21 1.17 9.11
CA HIS A 101 9.02 1.95 8.87
C HIS A 101 7.83 1.34 9.55
N ALA A 102 7.42 1.95 10.65
CA ALA A 102 6.26 1.50 11.41
C ALA A 102 4.95 1.80 10.66
N ASN A 103 5.04 2.67 9.67
CA ASN A 103 3.86 3.12 8.94
C ASN A 103 2.76 3.49 9.91
N GLU A 104 3.08 4.37 10.85
CA GLU A 104 2.14 4.77 11.89
C GLU A 104 1.20 5.85 11.39
N ARG A 105 -0.10 5.63 11.52
CA ARG A 105 -1.10 6.63 11.07
C ARG A 105 -2.17 6.93 12.11
N MET A 106 -2.65 8.17 12.13
CA MET A 106 -3.78 8.51 13.01
C MET A 106 -5.07 8.22 12.27
N LEU A 107 -5.91 7.35 12.85
CA LEU A 107 -7.17 6.94 12.22
C LEU A 107 -8.36 6.86 13.20
N PHE A 108 -9.57 6.87 12.64
CA PHE A 108 -10.78 6.80 13.44
C PHE A 108 -11.28 5.38 13.58
N HIS A 109 -11.80 5.06 14.77
CA HIS A 109 -12.56 3.84 14.96
C HIS A 109 -13.91 4.14 15.63
N GLY A 110 -14.96 3.51 15.13
CA GLY A 110 -16.28 3.63 15.71
C GLY A 110 -16.87 2.27 15.98
N SER A 111 -17.42 2.10 17.19
CA SER A 111 -18.13 0.88 17.59
C SER A 111 -18.79 1.02 18.96
N PRO A 112 -19.81 0.19 19.25
CA PRO A 112 -20.45 0.14 20.55
C PRO A 112 -19.52 -0.06 21.75
N PHE A 113 -18.27 -0.42 21.52
CA PHE A 113 -17.43 -0.90 22.60
C PHE A 113 -16.26 0.02 22.90
N VAL A 114 -16.41 1.28 22.51
CA VAL A 114 -15.35 2.26 22.68
C VAL A 114 -14.92 2.33 24.15
N ASN A 115 -15.87 2.09 25.06
CA ASN A 115 -15.60 2.29 26.47
C ASN A 115 -14.87 1.10 27.03
N ALA A 116 -15.09 -0.06 26.43
CA ALA A 116 -14.27 -1.24 26.70
C ALA A 116 -12.83 -0.97 26.30
N ILE A 117 -12.67 -0.55 25.05
CA ILE A 117 -11.36 -0.34 24.45
C ILE A 117 -10.52 0.69 25.22
N ILE A 118 -11.11 1.78 25.68
CA ILE A 118 -10.31 2.83 26.34
C ILE A 118 -9.79 2.38 27.69
N HIS A 119 -10.37 1.29 28.20
CA HIS A 119 -9.96 0.76 29.48
C HIS A 119 -9.08 -0.48 29.35
N LYS A 120 -9.51 -1.42 28.52
CA LYS A 120 -8.77 -2.67 28.30
C LYS A 120 -8.03 -2.77 26.94
N GLY A 121 -8.04 -1.71 26.13
CA GLY A 121 -7.38 -1.74 24.83
C GLY A 121 -8.06 -2.54 23.74
N PHE A 122 -7.71 -2.31 22.48
CA PHE A 122 -8.26 -3.09 21.38
C PHE A 122 -7.95 -4.55 21.57
N ASP A 123 -8.82 -5.42 21.09
CA ASP A 123 -8.77 -6.83 21.41
C ASP A 123 -9.34 -7.62 20.25
N GLU A 124 -8.46 -8.22 19.45
CA GLU A 124 -8.85 -8.92 18.23
C GLU A 124 -9.73 -10.13 18.50
N ARG A 125 -9.86 -10.51 19.77
CA ARG A 125 -10.72 -11.63 20.14
C ARG A 125 -12.20 -11.24 20.16
N HIS A 126 -12.45 -9.94 20.09
CA HIS A 126 -13.81 -9.41 19.99
C HIS A 126 -14.06 -8.90 18.57
N ALA A 127 -13.43 -9.53 17.59
CA ALA A 127 -13.31 -8.96 16.26
C ALA A 127 -14.60 -8.96 15.47
N TYR A 128 -14.66 -8.05 14.51
CA TYR A 128 -15.74 -7.98 13.52
C TYR A 128 -15.66 -9.19 12.60
N ILE A 129 -16.24 -10.30 13.02
CA ILE A 129 -15.98 -11.57 12.33
C ILE A 129 -16.58 -11.57 10.91
N GLY A 130 -17.69 -10.87 10.75
CA GLY A 130 -18.38 -10.83 9.47
C GLY A 130 -17.87 -9.71 8.55
N GLY A 131 -16.67 -9.22 8.84
CA GLY A 131 -16.12 -8.09 8.11
C GLY A 131 -15.67 -8.48 6.72
N MET A 132 -15.67 -7.48 5.84
CA MET A 132 -15.27 -7.66 4.45
C MET A 132 -13.86 -8.24 4.32
N PHE A 133 -12.98 -7.86 5.24
CA PHE A 133 -11.58 -8.28 5.18
C PHE A 133 -11.23 -9.10 6.40
N GLY A 134 -12.15 -9.96 6.81
CA GLY A 134 -11.91 -10.90 7.89
C GLY A 134 -12.16 -10.32 9.27
N ALA A 135 -12.03 -11.17 10.28
CA ALA A 135 -12.18 -10.71 11.65
C ALA A 135 -10.94 -9.93 12.02
N GLY A 136 -11.14 -8.65 12.26
CA GLY A 136 -10.05 -7.79 12.65
C GLY A 136 -10.61 -6.50 13.16
N ILE A 137 -9.71 -5.59 13.49
CA ILE A 137 -10.08 -4.30 14.00
C ILE A 137 -9.98 -3.33 12.86
N TYR A 138 -11.07 -2.61 12.60
CA TYR A 138 -11.17 -1.72 11.45
C TYR A 138 -11.05 -0.24 11.84
N PHE A 139 -10.42 0.52 10.94
CA PHE A 139 -10.21 1.94 11.11
C PHE A 139 -10.57 2.68 9.83
N ALA A 140 -10.87 3.97 9.95
CA ALA A 140 -11.19 4.77 8.78
C ALA A 140 -10.31 6.01 8.70
N GLU A 141 -10.11 6.47 7.48
CA GLU A 141 -9.37 7.69 7.18
C GLU A 141 -10.29 8.89 7.37
N ASN A 142 -11.56 8.65 7.02
CA ASN A 142 -12.63 9.63 7.08
C ASN A 142 -13.53 9.45 8.30
N SER A 143 -13.62 10.47 9.16
CA SER A 143 -14.45 10.42 10.36
C SER A 143 -15.88 9.97 10.10
N SER A 144 -16.46 10.47 9.01
CA SER A 144 -17.85 10.20 8.70
C SER A 144 -18.10 8.72 8.42
N LYS A 145 -17.06 8.03 7.98
CA LYS A 145 -17.15 6.59 7.68
C LYS A 145 -17.30 5.79 8.97
N SER A 146 -16.42 6.04 9.93
CA SER A 146 -16.49 5.37 11.23
C SER A 146 -17.83 5.63 11.91
N ASN A 147 -18.32 6.85 11.72
CA ASN A 147 -19.59 7.28 12.31
C ASN A 147 -20.74 6.33 11.97
N GLN A 148 -20.60 5.62 10.85
CA GLN A 148 -21.59 4.64 10.44
C GLN A 148 -21.59 3.38 11.29
N TYR A 149 -20.61 3.24 12.18
CA TYR A 149 -20.45 2.00 12.94
C TYR A 149 -20.66 2.16 14.44
N VAL A 150 -20.92 3.39 14.88
CA VAL A 150 -21.05 3.67 16.32
C VAL A 150 -22.14 2.85 16.98
N TYR A 151 -23.27 2.65 16.31
CA TYR A 151 -24.39 1.95 16.91
C TYR A 151 -24.51 0.51 16.42
N GLY A 152 -23.49 0.04 15.72
CA GLY A 152 -23.48 -1.30 15.15
C GLY A 152 -23.03 -1.29 13.70
N ILE A 153 -23.01 -2.46 13.08
CA ILE A 153 -22.67 -2.56 11.66
C ILE A 153 -23.81 -1.99 10.84
N GLY A 154 -23.48 -1.06 9.95
CA GLY A 154 -24.51 -0.42 9.13
C GLY A 154 -25.44 0.47 9.96
N GLY A 155 -24.96 0.88 11.14
CA GLY A 155 -25.73 1.74 12.02
C GLY A 155 -26.38 0.96 13.15
N GLY A 156 -26.41 -0.37 13.02
CA GLY A 156 -27.16 -1.20 13.95
C GLY A 156 -28.61 -0.77 13.90
N THR A 157 -29.26 -0.70 15.05
CA THR A 157 -30.64 -0.20 15.11
C THR A 157 -30.74 1.30 15.36
N GLY A 158 -29.62 2.01 15.30
CA GLY A 158 -29.61 3.43 15.59
C GLY A 158 -29.41 3.63 17.08
N CYS A 159 -29.57 4.86 17.55
CA CYS A 159 -29.28 5.19 18.95
C CYS A 159 -30.18 4.40 19.89
N PRO A 160 -29.78 4.30 21.17
CA PRO A 160 -30.49 3.36 22.03
C PRO A 160 -31.82 3.91 22.50
N VAL A 161 -31.82 5.21 22.76
CA VAL A 161 -33.03 5.88 23.21
C VAL A 161 -34.05 5.97 22.10
N HIS A 162 -33.68 6.53 20.95
CA HIS A 162 -34.65 6.84 19.89
C HIS A 162 -34.70 5.86 18.72
N LYS A 163 -33.81 4.87 18.72
CA LYS A 163 -33.73 3.92 17.61
C LYS A 163 -33.72 4.63 16.26
N ASP A 164 -33.02 5.77 16.21
CA ASP A 164 -32.84 6.55 14.99
C ASP A 164 -31.36 6.59 14.65
N ARG A 165 -30.99 5.98 13.53
CA ARG A 165 -29.61 6.02 13.09
C ARG A 165 -29.18 7.42 12.70
N SER A 166 -30.12 8.35 12.64
CA SER A 166 -29.81 9.74 12.28
C SER A 166 -30.01 10.72 13.43
N CYS A 167 -29.92 10.24 14.66
CA CYS A 167 -30.24 11.04 15.81
C CYS A 167 -29.30 12.24 15.96
N TYR A 168 -29.89 13.40 16.19
CA TYR A 168 -29.15 14.65 16.44
C TYR A 168 -29.11 14.97 17.92
N ILE A 169 -29.86 14.20 18.70
CA ILE A 169 -29.97 14.41 20.14
C ILE A 169 -28.88 13.68 20.88
N CYS A 170 -28.83 12.37 20.70
CA CYS A 170 -27.92 11.55 21.47
C CYS A 170 -26.46 11.83 21.14
N HIS A 171 -25.65 11.93 22.19
CA HIS A 171 -24.22 12.07 22.05
C HIS A 171 -23.61 10.78 21.50
N ARG A 172 -22.74 10.91 20.50
CA ARG A 172 -22.01 9.76 19.97
C ARG A 172 -20.58 9.83 20.46
N GLN A 173 -19.85 8.74 20.21
CA GLN A 173 -18.43 8.68 20.59
C GLN A 173 -17.58 8.01 19.53
N LEU A 174 -16.44 8.62 19.22
CA LEU A 174 -15.44 8.04 18.35
C LEU A 174 -14.08 8.01 19.03
N LEU A 175 -13.21 7.14 18.53
CA LEU A 175 -11.82 7.12 18.94
C LEU A 175 -10.97 7.62 17.78
N PHE A 176 -9.92 8.36 18.11
CA PHE A 176 -8.95 8.84 17.13
C PHE A 176 -7.63 8.24 17.54
N CYS A 177 -7.24 7.18 16.84
CA CYS A 177 -6.23 6.29 17.36
C CYS A 177 -4.90 6.44 16.66
N ARG A 178 -3.85 6.15 17.40
CA ARG A 178 -2.53 5.98 16.82
C ARG A 178 -2.45 4.52 16.38
N VAL A 179 -2.43 4.30 15.07
CA VAL A 179 -2.37 2.95 14.51
C VAL A 179 -1.08 2.62 13.77
N THR A 180 -0.53 1.43 14.07
CA THR A 180 0.66 0.91 13.39
C THR A 180 0.27 -0.05 12.26
N LEU A 181 0.59 0.34 11.03
CA LEU A 181 0.21 -0.42 9.83
C LEU A 181 1.32 -1.31 9.28
N GLY A 182 2.58 -0.95 9.53
CA GLY A 182 3.71 -1.66 8.96
C GLY A 182 3.61 -1.81 7.44
N LYS A 183 3.98 -2.99 6.95
CA LYS A 183 3.81 -3.30 5.55
C LYS A 183 2.40 -3.83 5.36
N SER A 184 1.61 -3.07 4.60
CA SER A 184 0.17 -3.27 4.55
C SER A 184 -0.27 -3.73 3.19
N PHE A 185 -1.08 -4.79 3.16
CA PHE A 185 -1.49 -5.46 1.92
C PHE A 185 -2.75 -4.86 1.27
N LEU A 186 -2.60 -4.30 0.07
CA LEU A 186 -3.74 -3.82 -0.71
C LEU A 186 -4.60 -4.98 -1.16
N GLN A 187 -5.88 -4.96 -0.81
CA GLN A 187 -6.74 -6.11 -1.04
C GLN A 187 -8.09 -5.75 -1.68
N PHE A 188 -8.63 -6.70 -2.42
CA PHE A 188 -9.92 -6.63 -3.12
C PHE A 188 -9.66 -6.13 -4.55
N GLY B 30 26.72 10.05 -19.31
CA GLY B 30 27.24 10.24 -17.97
C GLY B 30 27.08 9.01 -17.10
N THR B 31 26.58 7.94 -17.71
CA THR B 31 26.39 6.67 -17.01
C THR B 31 27.67 5.84 -17.06
N ILE B 32 27.91 5.08 -15.99
CA ILE B 32 29.01 4.12 -15.96
C ILE B 32 28.62 2.82 -15.24
N LEU B 33 29.15 1.70 -15.71
CA LEU B 33 28.77 0.38 -15.21
C LEU B 33 29.83 -0.27 -14.36
N ILE B 34 29.57 -0.36 -13.07
CA ILE B 34 30.47 -1.05 -12.16
C ILE B 34 30.15 -2.54 -12.15
N ASP B 35 31.15 -3.35 -12.48
CA ASP B 35 30.96 -4.81 -12.51
C ASP B 35 31.13 -5.48 -11.15
N LEU B 36 30.23 -6.40 -10.85
CA LEU B 36 30.25 -7.08 -9.57
C LEU B 36 30.82 -8.47 -9.72
N SER B 37 31.72 -8.82 -8.83
CA SER B 37 32.26 -10.18 -8.84
C SER B 37 31.27 -11.16 -8.22
N PRO B 38 31.15 -12.37 -8.79
CA PRO B 38 30.17 -13.32 -8.30
C PRO B 38 30.42 -13.79 -6.87
N ASP B 39 31.57 -13.44 -6.30
CA ASP B 39 31.82 -13.71 -4.89
C ASP B 39 31.34 -12.54 -4.02
N ASP B 40 30.99 -11.43 -4.67
CA ASP B 40 30.42 -10.27 -4.00
C ASP B 40 29.00 -10.59 -3.50
N LYS B 41 28.73 -10.27 -2.23
CA LYS B 41 27.42 -10.57 -1.63
C LYS B 41 26.33 -9.72 -2.26
N GLU B 42 26.71 -8.57 -2.81
CA GLU B 42 25.80 -7.75 -3.61
C GLU B 42 25.35 -8.55 -4.83
N PHE B 43 26.31 -9.13 -5.54
CA PHE B 43 26.04 -9.99 -6.69
C PHE B 43 25.12 -11.13 -6.28
N GLN B 44 25.47 -11.78 -5.19
CA GLN B 44 24.76 -12.97 -4.76
C GLN B 44 23.29 -12.70 -4.36
N SER B 45 23.02 -11.52 -3.82
CA SER B 45 21.64 -11.21 -3.42
C SER B 45 20.79 -10.91 -4.64
N VAL B 46 21.34 -10.16 -5.60
CA VAL B 46 20.59 -9.87 -6.81
C VAL B 46 20.34 -11.14 -7.60
N GLU B 47 21.36 -11.99 -7.66
CA GLU B 47 21.27 -13.28 -8.36
C GLU B 47 20.22 -14.16 -7.69
N GLU B 48 20.27 -14.23 -6.37
CA GLU B 48 19.31 -15.02 -5.62
C GLU B 48 17.90 -14.50 -5.85
N GLU B 49 17.77 -13.18 -5.94
CA GLU B 49 16.47 -12.56 -6.17
C GLU B 49 15.96 -12.90 -7.56
N MET B 50 16.84 -12.85 -8.56
CA MET B 50 16.49 -13.29 -9.90
C MET B 50 15.97 -14.74 -9.95
N GLN B 51 16.75 -15.66 -9.39
CA GLN B 51 16.45 -17.09 -9.45
C GLN B 51 15.21 -17.47 -8.65
N SER B 52 15.07 -16.86 -7.47
CA SER B 52 14.10 -17.32 -6.48
C SER B 52 12.69 -16.83 -6.77
N THR B 53 12.58 -15.86 -7.68
CA THR B 53 11.31 -15.28 -8.05
C THR B 53 10.76 -15.87 -9.34
N VAL B 54 11.41 -16.91 -9.84
CA VAL B 54 10.93 -17.56 -11.06
C VAL B 54 9.61 -18.23 -10.77
N ARG B 55 8.69 -18.16 -11.73
CA ARG B 55 7.40 -18.81 -11.60
C ARG B 55 7.03 -19.53 -12.88
N GLU B 56 6.12 -20.50 -12.76
CA GLU B 56 5.65 -21.21 -13.94
C GLU B 56 4.44 -20.50 -14.53
N HIS B 57 4.69 -19.65 -15.50
CA HIS B 57 3.62 -18.93 -16.18
C HIS B 57 2.75 -19.92 -16.95
N ARG B 58 1.44 -19.74 -16.83
CA ARG B 58 0.50 -20.75 -17.33
C ARG B 58 0.14 -20.57 -18.80
N ASP B 59 1.09 -20.05 -19.59
CA ASP B 59 0.98 -20.06 -21.04
C ASP B 59 1.99 -21.05 -21.64
N GLY B 60 2.50 -21.95 -20.80
CA GLY B 60 3.42 -22.98 -21.25
C GLY B 60 4.77 -22.44 -21.72
N GLY B 61 5.02 -21.16 -21.43
CA GLY B 61 6.29 -20.55 -21.77
C GLY B 61 6.25 -19.88 -23.12
N HIS B 62 5.06 -19.50 -23.57
CA HIS B 62 4.89 -18.99 -24.93
C HIS B 62 5.57 -17.64 -25.17
N ALA B 63 5.57 -16.77 -24.17
CA ALA B 63 6.10 -15.42 -24.35
C ALA B 63 7.57 -15.33 -23.94
N GLY B 64 7.91 -15.96 -22.83
CA GLY B 64 9.24 -15.80 -22.25
C GLY B 64 10.20 -16.96 -22.44
N GLY B 65 9.67 -18.14 -22.79
CA GLY B 65 10.48 -19.34 -23.00
C GLY B 65 10.18 -20.39 -21.94
N ILE B 66 10.74 -21.60 -22.13
CA ILE B 66 10.56 -22.69 -21.18
C ILE B 66 11.79 -22.90 -20.29
N PHE B 67 11.66 -22.65 -18.99
CA PHE B 67 12.80 -22.74 -18.08
C PHE B 67 12.40 -22.76 -16.60
N ASN B 68 13.37 -23.16 -15.77
CA ASN B 68 13.22 -23.20 -14.32
C ASN B 68 14.24 -22.31 -13.65
N ARG B 69 15.42 -22.24 -14.26
CA ARG B 69 16.55 -21.50 -13.71
C ARG B 69 17.15 -20.62 -14.80
N TYR B 70 18.01 -19.69 -14.38
CA TYR B 70 18.73 -18.82 -15.30
C TYR B 70 20.19 -19.15 -15.27
N ASN B 71 20.89 -18.71 -16.32
CA ASN B 71 22.34 -18.66 -16.32
C ASN B 71 22.75 -17.21 -16.19
N ILE B 72 23.19 -16.82 -14.99
CA ILE B 72 23.51 -15.42 -14.71
C ILE B 72 24.94 -15.13 -15.10
N LEU B 73 25.11 -14.37 -16.18
CA LEU B 73 26.41 -14.06 -16.73
C LEU B 73 27.05 -12.81 -16.14
N LYS B 74 26.24 -11.79 -15.89
CA LYS B 74 26.78 -10.49 -15.46
C LYS B 74 25.80 -9.65 -14.64
N ILE B 75 26.29 -9.09 -13.55
CA ILE B 75 25.54 -8.15 -12.76
C ILE B 75 26.34 -6.88 -12.60
N GLN B 76 25.82 -5.78 -13.17
CA GLN B 76 26.49 -4.49 -13.18
C GLN B 76 25.68 -3.44 -12.44
N LYS B 77 26.32 -2.74 -11.53
CA LYS B 77 25.70 -1.62 -10.84
C LYS B 77 25.76 -0.38 -11.72
N VAL B 78 24.69 0.38 -11.76
CA VAL B 78 24.58 1.52 -12.68
C VAL B 78 24.80 2.86 -11.98
N CYS B 79 25.92 3.52 -12.25
CA CYS B 79 26.19 4.80 -11.58
C CYS B 79 26.07 5.97 -12.52
N ASN B 80 25.15 6.86 -12.16
CA ASN B 80 24.88 8.08 -12.87
C ASN B 80 24.32 9.08 -11.87
N LYS B 81 25.05 10.13 -11.54
CA LYS B 81 24.63 10.98 -10.42
C LYS B 81 23.37 11.80 -10.76
N LYS B 82 23.27 12.22 -12.02
CA LYS B 82 22.12 12.97 -12.50
C LYS B 82 20.83 12.19 -12.28
N LEU B 83 20.80 10.95 -12.76
CA LEU B 83 19.63 10.11 -12.56
C LEU B 83 19.43 9.77 -11.08
N TRP B 84 20.51 9.70 -10.31
CA TRP B 84 20.37 9.32 -8.92
C TRP B 84 19.63 10.42 -8.19
N GLU B 85 20.03 11.66 -8.44
CA GLU B 85 19.44 12.78 -7.73
C GLU B 85 18.05 13.12 -8.27
N ARG B 86 17.86 12.96 -9.57
CA ARG B 86 16.55 13.04 -10.19
C ARG B 86 15.58 12.13 -9.45
N TYR B 87 16.10 11.01 -8.96
CA TYR B 87 15.29 9.99 -8.32
C TYR B 87 15.03 10.36 -6.87
N THR B 88 16.10 10.53 -6.10
CA THR B 88 15.94 10.78 -4.66
C THR B 88 15.08 12.01 -4.41
N HIS B 89 15.35 13.08 -5.15
CA HIS B 89 14.59 14.32 -5.08
C HIS B 89 13.09 14.07 -5.25
N ARG B 90 12.73 13.19 -6.17
CA ARG B 90 11.34 12.86 -6.43
C ARG B 90 10.80 12.00 -5.31
N ARG B 91 11.65 11.16 -4.75
CA ARG B 91 11.23 10.30 -3.66
C ARG B 91 10.91 11.09 -2.41
N LYS B 92 11.50 12.29 -2.32
CA LYS B 92 11.29 13.17 -1.19
C LYS B 92 9.97 13.87 -1.38
N GLU B 93 9.70 14.26 -2.62
CA GLU B 93 8.42 14.88 -2.95
C GLU B 93 7.31 13.91 -2.65
N VAL B 94 7.51 12.65 -2.99
CA VAL B 94 6.48 11.64 -2.80
C VAL B 94 6.34 11.30 -1.33
N SER B 95 7.44 11.41 -0.60
CA SER B 95 7.42 11.07 0.80
C SER B 95 6.61 12.09 1.61
N GLU B 96 6.74 13.36 1.28
CA GLU B 96 5.95 14.39 1.96
C GLU B 96 4.45 14.17 1.72
N GLU B 97 4.12 13.55 0.60
CA GLU B 97 2.74 13.35 0.19
C GLU B 97 2.13 12.06 0.72
N ASN B 98 2.90 11.29 1.47
CA ASN B 98 2.53 9.91 1.80
C ASN B 98 2.86 9.55 3.24
N HIS B 99 2.78 10.54 4.12
CA HIS B 99 3.01 10.37 5.56
C HIS B 99 4.45 10.02 5.84
N ASN B 100 5.35 10.74 5.19
CA ASN B 100 6.77 10.48 5.30
C ASN B 100 7.13 9.02 5.05
N HIS B 101 6.49 8.42 4.05
CA HIS B 101 6.93 7.13 3.55
C HIS B 101 7.01 7.12 2.04
N ALA B 102 8.20 6.81 1.55
CA ALA B 102 8.43 6.73 0.11
C ALA B 102 7.81 5.47 -0.47
N ASN B 103 7.60 4.48 0.40
CA ASN B 103 7.14 3.15 -0.02
C ASN B 103 8.00 2.60 -1.14
N GLU B 104 9.29 2.48 -0.88
CA GLU B 104 10.24 2.06 -1.90
C GLU B 104 10.24 0.54 -2.07
N ARG B 105 10.55 0.12 -3.29
CA ARG B 105 10.56 -1.31 -3.64
C ARG B 105 11.67 -1.63 -4.63
N MET B 106 12.21 -2.84 -4.55
CA MET B 106 13.10 -3.36 -5.58
C MET B 106 12.29 -4.24 -6.53
N LEU B 107 12.20 -3.82 -7.79
CA LEU B 107 11.36 -4.52 -8.77
C LEU B 107 12.06 -4.71 -10.09
N PHE B 108 11.71 -5.77 -10.79
CA PHE B 108 12.32 -6.07 -12.08
C PHE B 108 11.61 -5.29 -13.16
N HIS B 109 12.30 -5.07 -14.28
CA HIS B 109 11.71 -4.51 -15.48
C HIS B 109 12.35 -5.03 -16.74
N GLY B 110 11.56 -5.55 -17.65
CA GLY B 110 12.07 -6.00 -18.93
C GLY B 110 11.43 -5.27 -20.09
N SER B 111 12.27 -4.79 -20.99
CA SER B 111 11.81 -4.24 -22.26
C SER B 111 12.99 -4.13 -23.25
N PRO B 112 12.68 -4.09 -24.55
CA PRO B 112 13.71 -3.93 -25.60
C PRO B 112 14.47 -2.61 -25.58
N PHE B 113 14.38 -1.85 -24.48
CA PHE B 113 14.94 -0.50 -24.45
C PHE B 113 15.80 -0.25 -23.23
N VAL B 114 16.32 -1.31 -22.64
CA VAL B 114 17.10 -1.17 -21.43
C VAL B 114 18.39 -0.34 -21.66
N ASN B 115 18.98 -0.40 -22.85
CA ASN B 115 20.24 0.29 -23.10
C ASN B 115 20.03 1.79 -23.19
N ALA B 116 18.83 2.17 -23.61
CA ALA B 116 18.43 3.57 -23.57
C ALA B 116 18.19 3.98 -22.11
N ILE B 117 17.43 3.16 -21.41
CA ILE B 117 16.99 3.49 -20.06
C ILE B 117 18.17 3.70 -19.11
N ILE B 118 19.25 2.91 -19.27
CA ILE B 118 20.35 2.98 -18.31
C ILE B 118 21.28 4.17 -18.57
N HIS B 119 21.17 4.75 -19.75
CA HIS B 119 21.91 5.97 -20.06
C HIS B 119 21.10 7.25 -19.86
N LYS B 120 19.88 7.27 -20.38
CA LYS B 120 19.05 8.46 -20.34
C LYS B 120 18.09 8.48 -19.16
N GLY B 121 17.84 7.32 -18.55
CA GLY B 121 16.88 7.21 -17.44
C GLY B 121 15.50 6.84 -17.93
N PHE B 122 14.68 6.25 -17.07
CA PHE B 122 13.30 5.92 -17.45
C PHE B 122 12.59 7.16 -17.96
N ASP B 123 11.71 6.97 -18.94
CA ASP B 123 11.05 8.08 -19.60
C ASP B 123 9.62 7.72 -19.96
N GLU B 124 8.67 8.35 -19.25
CA GLU B 124 7.25 8.11 -19.41
C GLU B 124 6.76 8.42 -20.83
N ARG B 125 7.48 9.33 -21.50
CA ARG B 125 7.15 9.71 -22.87
C ARG B 125 7.32 8.58 -23.88
N HIS B 126 7.83 7.44 -23.43
CA HIS B 126 8.02 6.28 -24.28
C HIS B 126 7.17 5.13 -23.76
N ALA B 127 6.37 5.41 -22.74
CA ALA B 127 5.60 4.38 -22.07
C ALA B 127 4.81 3.46 -23.00
N TYR B 128 4.66 2.22 -22.52
CA TYR B 128 3.78 1.18 -23.08
C TYR B 128 2.34 1.68 -23.10
N ILE B 129 1.90 2.23 -24.25
CA ILE B 129 0.64 2.97 -24.32
C ILE B 129 -0.60 2.05 -24.30
N GLY B 130 -0.45 0.82 -24.81
CA GLY B 130 -1.56 -0.11 -24.87
C GLY B 130 -1.50 -1.21 -23.81
N GLY B 131 -1.15 -0.83 -22.58
CA GLY B 131 -1.06 -1.79 -21.48
C GLY B 131 -2.37 -1.86 -20.74
N MET B 132 -2.48 -2.83 -19.83
CA MET B 132 -3.68 -3.05 -19.03
C MET B 132 -4.04 -1.81 -18.24
N PHE B 133 -3.02 -1.19 -17.66
CA PHE B 133 -3.19 -0.08 -16.75
C PHE B 133 -2.68 1.23 -17.34
N GLY B 134 -2.73 1.31 -18.67
CA GLY B 134 -2.49 2.56 -19.38
C GLY B 134 -1.04 2.81 -19.78
N ALA B 135 -0.80 3.99 -20.33
CA ALA B 135 0.54 4.42 -20.70
C ALA B 135 1.38 4.61 -19.46
N GLY B 136 1.93 3.51 -18.96
CA GLY B 136 2.79 3.54 -17.80
C GLY B 136 4.10 2.80 -18.01
N ILE B 137 4.92 2.76 -16.96
CA ILE B 137 6.18 2.04 -16.96
C ILE B 137 6.05 0.87 -16.00
N TYR B 138 5.94 -0.33 -16.56
CA TYR B 138 5.54 -1.48 -15.79
C TYR B 138 6.74 -2.19 -15.19
N PHE B 139 6.56 -2.68 -13.96
CA PHE B 139 7.58 -3.44 -13.24
C PHE B 139 6.98 -4.73 -12.71
N ALA B 140 7.82 -5.59 -12.14
CA ALA B 140 7.33 -6.87 -11.67
C ALA B 140 8.06 -7.36 -10.43
N GLU B 141 7.32 -8.15 -9.66
CA GLU B 141 7.84 -8.83 -8.49
C GLU B 141 8.68 -10.04 -8.87
N ASN B 142 8.10 -10.81 -9.78
CA ASN B 142 8.74 -11.99 -10.31
C ASN B 142 9.60 -11.66 -11.50
N SER B 143 10.85 -12.11 -11.47
CA SER B 143 11.80 -11.89 -12.55
C SER B 143 11.32 -12.50 -13.84
N SER B 144 10.71 -13.67 -13.74
CA SER B 144 10.25 -14.40 -14.91
C SER B 144 9.12 -13.68 -15.61
N LYS B 145 8.36 -12.92 -14.84
CA LYS B 145 7.29 -12.09 -15.38
C LYS B 145 7.84 -10.98 -16.27
N SER B 146 8.86 -10.28 -15.78
CA SER B 146 9.54 -9.29 -16.59
C SER B 146 10.19 -9.94 -17.82
N ASN B 147 10.79 -11.10 -17.62
CA ASN B 147 11.44 -11.81 -18.71
C ASN B 147 10.54 -11.94 -19.93
N GLN B 148 9.22 -11.97 -19.70
CA GLN B 148 8.26 -12.09 -20.78
C GLN B 148 8.21 -10.87 -21.68
N TYR B 149 8.91 -9.80 -21.30
CA TYR B 149 8.80 -8.55 -22.05
C TYR B 149 10.13 -8.07 -22.63
N VAL B 150 11.16 -8.90 -22.52
CA VAL B 150 12.47 -8.56 -23.05
C VAL B 150 12.43 -8.32 -24.56
N TYR B 151 11.70 -9.17 -25.27
CA TYR B 151 11.66 -9.08 -26.72
C TYR B 151 10.33 -8.47 -27.21
N GLY B 152 9.67 -7.72 -26.34
CA GLY B 152 8.45 -7.03 -26.70
C GLY B 152 7.22 -7.60 -26.03
N ILE B 153 6.04 -7.20 -26.52
CA ILE B 153 4.80 -7.66 -25.95
C ILE B 153 4.53 -9.11 -26.32
N GLY B 154 4.31 -9.94 -25.30
CA GLY B 154 4.15 -11.37 -25.48
C GLY B 154 5.39 -12.03 -26.06
N GLY B 155 6.49 -11.28 -26.04
CA GLY B 155 7.73 -11.71 -26.67
C GLY B 155 7.73 -11.36 -28.15
N GLY B 156 6.53 -11.27 -28.73
CA GLY B 156 6.38 -11.04 -30.15
C GLY B 156 7.13 -12.05 -31.01
N THR B 157 8.26 -11.62 -31.55
CA THR B 157 9.00 -12.41 -32.53
C THR B 157 10.00 -13.33 -31.87
N GLY B 158 10.60 -12.85 -30.79
CA GLY B 158 11.66 -13.58 -30.12
C GLY B 158 12.99 -12.90 -30.35
N CYS B 159 14.07 -13.62 -30.06
CA CYS B 159 15.41 -13.06 -30.12
C CYS B 159 15.75 -12.53 -31.51
N PRO B 160 16.52 -11.44 -31.56
CA PRO B 160 16.94 -10.83 -32.83
C PRO B 160 17.55 -11.78 -33.85
N VAL B 161 18.13 -12.88 -33.40
CA VAL B 161 18.96 -13.71 -34.27
C VAL B 161 18.29 -15.00 -34.77
N HIS B 162 17.40 -15.58 -33.95
CA HIS B 162 16.78 -16.86 -34.28
C HIS B 162 15.26 -16.78 -34.39
N LYS B 163 14.69 -15.63 -34.00
CA LYS B 163 13.23 -15.46 -33.87
C LYS B 163 12.64 -16.55 -32.99
N ASP B 164 13.40 -16.97 -31.98
CA ASP B 164 12.96 -17.99 -31.03
C ASP B 164 12.73 -17.38 -29.66
N ARG B 165 11.46 -17.19 -29.30
CA ARG B 165 11.13 -16.63 -27.99
C ARG B 165 11.58 -17.53 -26.84
N SER B 166 12.05 -18.73 -27.15
CA SER B 166 12.55 -19.65 -26.13
C SER B 166 14.00 -20.01 -26.42
N CYS B 167 14.78 -19.00 -26.76
CA CYS B 167 16.18 -19.21 -27.10
C CYS B 167 17.04 -19.31 -25.86
N TYR B 168 17.96 -20.27 -25.84
CA TYR B 168 18.89 -20.44 -24.74
C TYR B 168 20.29 -19.97 -25.13
N ILE B 169 20.43 -19.51 -26.36
CA ILE B 169 21.71 -19.08 -26.88
C ILE B 169 21.94 -17.60 -26.64
N CYS B 170 21.01 -16.78 -27.12
CA CYS B 170 21.18 -15.33 -27.03
C CYS B 170 21.14 -14.88 -25.57
N HIS B 171 21.92 -13.86 -25.25
CA HIS B 171 21.86 -13.24 -23.95
C HIS B 171 20.69 -12.28 -23.85
N ARG B 172 20.02 -12.31 -22.70
CA ARG B 172 18.92 -11.38 -22.39
C ARG B 172 19.40 -10.35 -21.36
N GLN B 173 18.66 -9.26 -21.19
CA GLN B 173 18.98 -8.29 -20.14
C GLN B 173 17.75 -7.83 -19.37
N LEU B 174 17.86 -7.78 -18.04
CA LEU B 174 16.80 -7.29 -17.17
C LEU B 174 17.35 -6.18 -16.32
N LEU B 175 16.48 -5.28 -15.87
CA LEU B 175 16.85 -4.27 -14.90
C LEU B 175 16.22 -4.58 -13.55
N PHE B 176 16.99 -4.33 -12.50
CA PHE B 176 16.54 -4.52 -11.13
C PHE B 176 16.57 -3.13 -10.49
N CYS B 177 15.40 -2.54 -10.33
CA CYS B 177 15.27 -1.10 -10.12
C CYS B 177 14.75 -0.72 -8.75
N ARG B 178 15.18 0.45 -8.30
CA ARG B 178 14.60 1.08 -7.13
C ARG B 178 13.37 1.83 -7.57
N VAL B 179 12.20 1.38 -7.17
CA VAL B 179 10.95 2.00 -7.61
C VAL B 179 10.19 2.59 -6.45
N THR B 180 9.85 3.87 -6.57
CA THR B 180 9.05 4.55 -5.56
C THR B 180 7.57 4.44 -5.86
N LEU B 181 6.86 3.68 -5.02
CA LEU B 181 5.44 3.43 -5.24
C LEU B 181 4.54 4.48 -4.60
N GLY B 182 5.05 5.16 -3.59
CA GLY B 182 4.25 6.03 -2.77
C GLY B 182 2.92 5.38 -2.41
N LYS B 183 1.87 6.17 -2.46
CA LYS B 183 0.52 5.67 -2.23
C LYS B 183 0.03 5.07 -3.53
N SER B 184 -0.07 3.75 -3.58
CA SER B 184 -0.40 3.08 -4.82
C SER B 184 -1.86 2.70 -4.86
N PHE B 185 -2.51 2.96 -5.99
CA PHE B 185 -3.91 2.61 -6.21
C PHE B 185 -4.03 1.17 -6.75
N LEU B 186 -4.89 0.35 -6.14
CA LEU B 186 -5.09 -1.02 -6.59
C LEU B 186 -6.18 -1.01 -7.64
N GLN B 187 -5.92 -1.58 -8.82
CA GLN B 187 -6.90 -1.55 -9.89
C GLN B 187 -7.25 -2.92 -10.48
N PHE B 188 -8.41 -2.96 -11.15
CA PHE B 188 -8.97 -4.13 -11.84
C PHE B 188 -9.72 -5.03 -10.86
N ALA C 2 -8.96 -14.98 10.93
CA ALA C 2 -8.24 -14.24 9.88
C ALA C 2 -7.03 -13.52 10.48
N HIS C 3 -5.92 -13.57 9.74
CA HIS C 3 -4.71 -12.86 10.15
C HIS C 3 -4.19 -11.97 9.04
N SER C 4 -3.08 -11.31 9.34
CA SER C 4 -2.34 -10.57 8.35
C SER C 4 -1.76 -11.54 7.32
N PRO C 5 -1.91 -11.25 6.02
CA PRO C 5 -1.21 -12.09 5.04
C PRO C 5 0.31 -12.09 5.26
N PRO C 6 1.01 -13.15 4.80
CA PRO C 6 2.39 -13.35 5.24
C PRO C 6 3.31 -12.22 4.80
N GLY C 7 4.23 -11.86 5.68
CA GLY C 7 5.14 -10.74 5.44
C GLY C 7 4.57 -9.38 5.83
N HIS C 8 3.27 -9.33 6.13
CA HIS C 8 2.60 -8.05 6.35
C HIS C 8 2.06 -7.86 7.77
N HIS C 9 1.63 -6.65 8.08
CA HIS C 9 1.17 -6.35 9.43
C HIS C 9 -0.21 -5.73 9.46
N SER C 10 -0.82 -5.57 8.30
CA SER C 10 -2.12 -4.94 8.19
C SER C 10 -2.67 -5.11 6.79
N VAL C 11 -3.89 -4.62 6.59
CA VAL C 11 -4.58 -4.75 5.31
C VAL C 11 -5.30 -3.44 4.97
N THR C 12 -4.99 -2.89 3.81
CA THR C 12 -5.63 -1.68 3.36
C THR C 12 -6.60 -1.99 2.25
N GLY C 13 -7.82 -1.48 2.38
CA GLY C 13 -8.88 -1.69 1.40
C GLY C 13 -9.41 -0.36 0.89
N ARG C 14 -10.40 -0.40 0.01
CA ARG C 14 -10.97 0.81 -0.55
C ARG C 14 -12.27 0.50 -1.31
N PRO C 15 -13.31 0.02 -0.59
CA PRO C 15 -14.58 -0.37 -1.23
C PRO C 15 -15.42 0.82 -1.67
N SER C 16 -16.26 0.61 -2.69
CA SER C 16 -17.11 1.67 -3.23
C SER C 16 -18.58 1.40 -2.94
N VAL C 17 -19.05 1.89 -1.80
CA VAL C 17 -20.44 1.66 -1.41
C VAL C 17 -21.31 2.72 -2.10
N ASN C 18 -22.26 2.25 -2.90
CA ASN C 18 -23.14 3.12 -3.69
C ASN C 18 -22.37 4.01 -4.68
N GLY C 19 -21.07 3.80 -4.84
CA GLY C 19 -20.31 4.51 -5.85
C GLY C 19 -19.28 5.47 -5.28
N LEU C 20 -18.88 5.25 -4.04
CA LEU C 20 -17.91 6.12 -3.38
C LEU C 20 -16.81 5.31 -2.72
N ALA C 21 -15.60 5.47 -3.21
CA ALA C 21 -14.46 4.71 -2.71
C ALA C 21 -13.81 5.41 -1.53
N LEU C 22 -13.85 4.76 -0.38
CA LEU C 22 -13.20 5.28 0.81
C LEU C 22 -12.36 4.20 1.47
N ALA C 23 -11.13 4.56 1.78
CA ALA C 23 -10.18 3.69 2.43
C ALA C 23 -10.71 3.04 3.70
N GLU C 24 -10.31 1.78 3.91
CA GLU C 24 -10.37 1.13 5.22
C GLU C 24 -8.98 0.66 5.58
N TYR C 25 -8.72 0.52 6.88
CA TYR C 25 -7.50 -0.11 7.35
C TYR C 25 -7.87 -1.13 8.43
N VAL C 26 -7.30 -2.34 8.33
CA VAL C 26 -7.63 -3.42 9.25
C VAL C 26 -6.34 -3.96 9.86
N ILE C 27 -6.36 -4.15 11.17
CA ILE C 27 -5.29 -4.86 11.85
C ILE C 27 -5.87 -6.14 12.44
N TYR C 28 -5.01 -7.05 12.83
CA TYR C 28 -5.46 -8.36 13.32
C TYR C 28 -4.84 -8.66 14.67
N ARG C 29 -4.16 -7.65 15.23
CA ARG C 29 -3.61 -7.75 16.57
C ARG C 29 -3.88 -6.43 17.29
N GLY C 30 -4.48 -6.51 18.48
CA GLY C 30 -4.92 -5.35 19.20
C GLY C 30 -3.83 -4.37 19.61
N GLU C 31 -2.59 -4.83 19.70
CA GLU C 31 -1.48 -3.97 20.15
C GLU C 31 -0.96 -3.02 19.09
N GLN C 32 -1.39 -3.22 17.85
CA GLN C 32 -1.00 -2.34 16.75
C GLN C 32 -1.86 -1.06 16.68
N ALA C 33 -2.53 -0.72 17.77
CA ALA C 33 -3.40 0.46 17.81
C ALA C 33 -3.55 0.95 19.24
N TYR C 34 -3.46 2.26 19.44
CA TYR C 34 -3.68 2.89 20.74
C TYR C 34 -4.74 4.01 20.67
N PRO C 35 -5.84 3.89 21.46
CA PRO C 35 -6.92 4.89 21.41
C PRO C 35 -6.55 6.19 22.08
N GLU C 36 -6.04 7.14 21.29
CA GLU C 36 -5.38 8.29 21.87
C GLU C 36 -6.35 9.39 22.30
N TYR C 37 -7.47 9.50 21.60
CA TYR C 37 -8.48 10.50 21.94
C TYR C 37 -9.86 9.90 21.91
N LEU C 38 -10.62 10.16 22.95
CA LEU C 38 -12.03 9.90 22.94
C LEU C 38 -12.69 11.20 22.56
N ILE C 39 -13.56 11.13 21.56
CA ILE C 39 -14.22 12.31 21.06
C ILE C 39 -15.73 12.18 21.27
N THR C 40 -16.28 13.02 22.15
CA THR C 40 -17.73 13.06 22.39
C THR C 40 -18.39 14.13 21.55
N TYR C 41 -19.41 13.76 20.79
CA TYR C 41 -19.91 14.66 19.77
C TYR C 41 -21.35 14.35 19.36
N GLN C 42 -21.90 15.22 18.52
CA GLN C 42 -23.17 14.96 17.86
C GLN C 42 -23.01 15.29 16.39
N ILE C 43 -23.84 14.69 15.57
CA ILE C 43 -23.93 15.09 14.17
C ILE C 43 -24.86 16.27 14.15
N MET C 44 -24.73 17.14 13.16
CA MET C 44 -25.49 18.37 13.16
C MET C 44 -26.43 18.50 11.98
N ARG C 45 -27.61 19.03 12.28
CA ARG C 45 -28.67 19.26 11.31
C ARG C 45 -28.21 20.25 10.27
N PRO C 46 -28.14 19.82 9.00
CA PRO C 46 -27.88 20.83 7.98
C PRO C 46 -29.10 21.71 7.89
N GLU C 47 -28.97 22.93 7.36
CA GLU C 47 -29.98 24.02 7.40
C GLU C 47 -29.67 24.98 8.54
N ALA D 2 -2.04 7.36 -19.56
CA ALA D 2 -2.77 7.88 -18.42
C ALA D 2 -1.82 8.61 -17.45
N HIS D 3 -2.30 8.85 -16.23
CA HIS D 3 -1.48 9.27 -15.11
C HIS D 3 -1.95 8.49 -13.89
N SER D 4 -1.43 8.89 -12.73
CA SER D 4 -1.79 8.30 -11.46
C SER D 4 -3.06 8.95 -10.90
N PRO D 5 -3.99 8.13 -10.36
CA PRO D 5 -5.22 8.66 -9.78
C PRO D 5 -4.94 9.72 -8.74
N PRO D 6 -5.85 10.69 -8.58
CA PRO D 6 -5.66 11.78 -7.61
C PRO D 6 -5.22 11.26 -6.26
N GLY D 7 -4.35 11.97 -5.58
CA GLY D 7 -3.87 11.54 -4.28
C GLY D 7 -2.93 10.35 -4.32
N HIS D 8 -2.87 9.63 -5.45
CA HIS D 8 -2.03 8.45 -5.57
C HIS D 8 -0.79 8.70 -6.41
N HIS D 9 0.17 7.77 -6.32
CA HIS D 9 1.49 7.92 -6.93
C HIS D 9 1.90 6.78 -7.85
N SER D 10 1.07 5.76 -7.95
CA SER D 10 1.39 4.58 -8.75
C SER D 10 0.16 3.68 -8.81
N VAL D 11 0.29 2.53 -9.48
CA VAL D 11 -0.80 1.56 -9.61
C VAL D 11 -0.31 0.11 -9.41
N THR D 12 -0.70 -0.50 -8.30
CA THR D 12 -0.50 -1.92 -8.10
C THR D 12 -1.64 -2.67 -8.77
N GLY D 13 -1.32 -3.76 -9.43
CA GLY D 13 -2.34 -4.57 -10.08
C GLY D 13 -2.00 -6.01 -9.86
N ARG D 14 -2.92 -6.92 -10.13
CA ARG D 14 -2.63 -8.35 -9.99
C ARG D 14 -3.44 -9.19 -10.99
N PRO D 15 -3.20 -8.99 -12.30
CA PRO D 15 -3.94 -9.72 -13.34
C PRO D 15 -3.74 -11.22 -13.23
N SER D 16 -4.77 -11.96 -13.63
CA SER D 16 -4.74 -13.42 -13.62
C SER D 16 -4.75 -13.99 -15.03
N VAL D 17 -3.67 -14.66 -15.40
CA VAL D 17 -3.55 -15.34 -16.69
C VAL D 17 -3.67 -16.85 -16.49
N ASN D 18 -4.70 -17.43 -17.13
CA ASN D 18 -5.00 -18.87 -17.04
C ASN D 18 -5.08 -19.41 -15.59
N GLY D 19 -5.31 -18.51 -14.64
CA GLY D 19 -5.46 -18.88 -13.24
C GLY D 19 -4.36 -18.34 -12.33
N LEU D 20 -3.24 -17.94 -12.94
CA LEU D 20 -2.07 -17.48 -12.18
C LEU D 20 -2.03 -15.97 -12.02
N ALA D 21 -2.02 -15.51 -10.77
CA ALA D 21 -2.01 -14.08 -10.48
C ALA D 21 -0.66 -13.64 -9.91
N LEU D 22 -0.04 -12.70 -10.62
CA LEU D 22 1.26 -12.18 -10.24
C LEU D 22 1.17 -10.65 -10.28
N ALA D 23 1.90 -10.00 -9.39
CA ALA D 23 1.76 -8.57 -9.19
C ALA D 23 2.48 -7.71 -10.21
N GLU D 24 1.73 -6.90 -10.97
CA GLU D 24 2.30 -5.82 -11.78
C GLU D 24 2.38 -4.54 -10.95
N TYR D 25 3.37 -3.69 -11.20
CA TYR D 25 3.41 -2.33 -10.62
C TYR D 25 3.69 -1.32 -11.70
N VAL D 26 2.90 -0.26 -11.72
CA VAL D 26 3.02 0.76 -12.77
C VAL D 26 3.32 2.13 -12.17
N ILE D 27 4.14 2.91 -12.86
CA ILE D 27 4.36 4.29 -12.49
C ILE D 27 4.27 5.13 -13.75
N TYR D 28 4.11 6.45 -13.59
CA TYR D 28 3.76 7.34 -14.71
C TYR D 28 4.70 8.53 -14.78
N ARG D 29 5.69 8.55 -13.89
CA ARG D 29 6.81 9.49 -13.98
C ARG D 29 8.13 8.73 -14.02
N GLY D 30 8.97 9.06 -15.00
CA GLY D 30 10.25 8.42 -15.14
C GLY D 30 11.12 8.52 -13.89
N GLU D 31 11.09 9.65 -13.21
CA GLU D 31 12.01 9.87 -12.09
C GLU D 31 11.62 9.11 -10.84
N GLN D 32 10.55 8.33 -10.93
CA GLN D 32 10.10 7.56 -9.77
C GLN D 32 10.77 6.19 -9.70
N ALA D 33 11.61 5.88 -10.67
CA ALA D 33 12.37 4.62 -10.68
C ALA D 33 13.80 4.81 -11.12
N TYR D 34 14.72 4.12 -10.46
CA TYR D 34 16.13 4.16 -10.80
C TYR D 34 16.63 2.78 -11.19
N PRO D 35 17.35 2.66 -12.32
CA PRO D 35 17.78 1.34 -12.77
C PRO D 35 19.14 0.99 -12.18
N GLU D 36 19.12 0.33 -11.02
CA GLU D 36 20.30 0.22 -10.19
C GLU D 36 21.24 -0.87 -10.65
N TYR D 37 20.66 -2.01 -11.02
CA TYR D 37 21.43 -3.14 -11.52
C TYR D 37 21.03 -3.53 -12.93
N LEU D 38 22.03 -3.67 -13.79
CA LEU D 38 21.85 -4.23 -15.12
C LEU D 38 22.25 -5.70 -15.07
N ILE D 39 21.31 -6.57 -15.39
CA ILE D 39 21.51 -8.00 -15.29
C ILE D 39 21.55 -8.66 -16.66
N THR D 40 22.70 -9.24 -17.01
CA THR D 40 22.82 -10.01 -18.24
C THR D 40 22.74 -11.52 -17.96
N TYR D 41 21.97 -12.24 -18.76
CA TYR D 41 21.64 -13.62 -18.47
C TYR D 41 21.08 -14.36 -19.67
N GLN D 42 20.99 -15.68 -19.54
CA GLN D 42 20.26 -16.54 -20.47
C GLN D 42 19.25 -17.37 -19.68
N ILE D 43 18.13 -17.73 -20.29
CA ILE D 43 17.28 -18.73 -19.67
C ILE D 43 17.98 -20.06 -19.82
N MET D 44 17.91 -20.89 -18.79
CA MET D 44 18.62 -22.18 -18.82
C MET D 44 17.72 -23.27 -19.36
N ARG D 45 18.27 -24.08 -20.25
CA ARG D 45 17.55 -25.21 -20.81
C ARG D 45 17.42 -26.30 -19.76
N PRO D 46 16.24 -26.94 -19.67
CA PRO D 46 16.05 -28.01 -18.67
C PRO D 46 16.36 -29.39 -19.23
N GLU D 47 17.17 -30.17 -18.52
CA GLU D 47 17.56 -31.51 -18.96
C GLU D 47 16.52 -32.58 -18.60
ZN ZN E . -31.30 9.29 19.95
OAA 5ZI F . -13.79 -2.77 14.16
CAB 5ZI F . -14.87 -3.28 14.46
CAC 5ZI F . -16.04 -3.35 13.49
CAD 5ZI F . -16.74 -2.06 13.09
CAE 5ZI F . -16.08 -1.11 12.29
NAF 5ZI F . -16.05 -1.34 10.97
CAG 5ZI F . -15.50 -0.46 10.13
CAH 5ZI F . -14.96 0.73 10.59
CAI 5ZI F . -14.38 1.63 9.71
CAJ 5ZI F . -14.34 1.35 8.35
CAK 5ZI F . -14.89 0.16 7.88
CAL 5ZI F . -15.46 -0.74 8.77
CAM 5ZI F . -15.00 1.02 11.94
OAN 5ZI F . -14.53 2.08 12.38
NAO 5ZI F . -15.59 0.09 12.81
NAP 5ZI F . -15.22 -3.76 15.66
CAQ 5ZI F . -14.44 -3.85 16.74
CAR 5ZI F . -13.11 -3.50 16.89
CAS 5ZI F . -12.46 -3.64 18.12
CAT 5ZI F . -13.15 -4.11 19.24
CAU 5ZI F . -14.50 -4.40 19.06
CAV 5ZI F . -15.12 -4.28 17.85
CAW 5ZI F . -12.58 -4.21 20.52
OAX 5ZI F . -11.36 -4.13 20.65
NAY 5ZI F . -13.44 -4.61 21.48
CAZ 5ZI F . -13.12 -4.78 22.77
CBA 5ZI F . -14.17 -5.27 23.56
NBB 5ZI F . -15.37 -5.49 22.99
CBC 5ZI F . -16.45 -5.98 23.75
CBD 5ZI F . -16.29 -6.24 25.09
CBE 5ZI F . -15.05 -6.01 25.68
CBF 5ZI F . -14.00 -5.53 24.92
CBG 5ZI F . -12.76 -5.31 25.51
CBH 5ZI F . -11.71 -4.83 24.73
CBI 5ZI F . -11.88 -4.59 23.37
HAC 5ZI F . -16.79 -3.99 13.95
HACA 5ZI F . -15.70 -3.82 12.58
HAD 5ZI F . -17.05 -1.56 14.00
HADA 5ZI F . -17.65 -2.34 12.55
HAI 5ZI F . -13.95 2.56 10.08
HAJ 5ZI F . -13.89 2.05 7.65
HAK 5ZI F . -14.86 -0.08 6.82
HAL 5ZI F . -15.88 -1.68 8.40
HNAO 5ZI F . -15.62 0.27 13.80
HNAP 5ZI F . -16.15 -4.12 15.74
HAR 5ZI F . -12.54 -3.15 16.01
HAS 5ZI F . -11.40 -3.38 18.22
HAU 5ZI F . -15.07 -4.75 19.91
HAV 5ZI F . -16.18 -4.53 17.75
HNAY 5ZI F . -14.41 -4.68 21.23
HBC 5ZI F . -17.42 -6.14 23.27
HBD 5ZI F . -17.12 -6.61 25.69
HBE 5ZI F . -14.91 -6.21 26.74
HBG 5ZI F . -12.61 -5.51 26.57
HBH 5ZI F . -10.74 -4.66 25.19
HBI 5ZI F . -11.05 -4.20 22.78
ZN ZN G . 18.51 -16.58 -30.16
OAA 5ZI H . 7.07 -1.01 -19.19
CAB 5ZI H . 6.94 -1.19 -20.40
CAC 5ZI H . 6.00 -2.26 -20.98
CAD 5ZI H . 6.47 -3.71 -20.96
CAE 5ZI H . 6.59 -4.28 -19.72
NAF 5ZI H . 5.45 -4.75 -19.19
CAG 5ZI H . 5.41 -5.36 -18.00
CAH 5ZI H . 6.58 -5.56 -17.28
CAI 5ZI H . 6.52 -6.20 -16.05
CAJ 5ZI H . 5.30 -6.63 -15.54
CAK 5ZI H . 4.13 -6.44 -16.27
CAL 5ZI H . 4.19 -5.80 -17.50
CAM 5ZI H . 7.79 -5.13 -17.80
OAN 5ZI H . 8.84 -5.30 -17.17
NAO 5ZI H . 7.80 -4.47 -19.04
NAP 5ZI H . 7.58 -0.54 -21.39
CAQ 5ZI H . 8.47 0.44 -21.23
CAR 5ZI H . 8.98 0.93 -22.42
CAS 5ZI H . 9.91 1.95 -22.41
CAT 5ZI H . 10.33 2.54 -21.22
CAU 5ZI H . 9.80 2.05 -20.03
CAV 5ZI H . 8.87 1.01 -20.03
CAW 5ZI H . 11.31 3.52 -21.19
OAX 5ZI H . 11.53 4.09 -20.12
NAY 5ZI H . 11.82 3.86 -22.41
CAZ 5ZI H . 12.78 4.79 -22.62
CBA 5ZI H . 13.20 4.91 -23.94
NBB 5ZI H . 12.61 4.17 -24.90
CBC 5ZI H . 12.99 4.28 -26.24
CBD 5ZI H . 13.99 5.16 -26.60
CBE 5ZI H . 14.59 5.93 -25.62
CBF 5ZI H . 14.20 5.81 -24.29
CBG 5ZI H . 14.81 6.58 -23.32
CBH 5ZI H . 14.41 6.46 -22.00
CBI 5ZI H . 13.40 5.57 -21.65
HAC 5ZI H . 5.78 -1.99 -22.01
HACA 5ZI H . 5.06 -2.22 -20.43
HAD 5ZI H . 7.44 -3.75 -21.46
HADA 5ZI H . 5.77 -4.31 -21.54
HAI 5ZI H . 7.43 -6.36 -15.48
HAJ 5ZI H . 5.26 -7.14 -14.58
HAK 5ZI H . 3.17 -6.78 -15.88
HAL 5ZI H . 3.28 -5.64 -18.07
HNAO 5ZI H . 8.65 -4.16 -19.45
HNAP 5ZI H . 7.36 -0.82 -22.33
HAR 5ZI H . 8.67 0.49 -23.37
HAS 5ZI H . 10.32 2.31 -23.35
HAU 5ZI H . 10.14 2.48 -19.08
HAV 5ZI H . 8.46 0.64 -19.09
HNAY 5ZI H . 11.51 3.32 -23.20
HBC 5ZI H . 12.51 3.67 -27.00
HBD 5ZI H . 14.30 5.26 -27.63
HBE 5ZI H . 15.37 6.64 -25.89
HBG 5ZI H . 15.60 7.29 -23.60
HBH 5ZI H . 14.88 7.06 -21.23
HBI 5ZI H . 13.10 5.47 -20.61
#